data_2V9J
#
_entry.id   2V9J
#
_cell.length_a   48.790
_cell.length_b   120.685
_cell.length_c   127.069
_cell.angle_alpha   90.00
_cell.angle_beta   90.00
_cell.angle_gamma   90.00
#
_symmetry.space_group_name_H-M   'P 21 21 21'
#
loop_
_entity.id
_entity.type
_entity.pdbx_description
1 polymer "5'-AMP-ACTIVATED PROTEIN KINASE CATALYTIC SUBUNIT ALPHA-1"
2 polymer "5'-AMP-ACTIVATED PROTEIN KINASE SUBUNIT BETA-2"
3 polymer "5'-AMP-ACTIVATED PROTEIN KINASE SUBUNIT GAMMA-1"
4 non-polymer "ADENOSINE-5'-TRIPHOSPHATE"
5 non-polymer 'ADENOSINE MONOPHOSPHATE'
6 non-polymer 'MAGNESIUM ION'
7 water water
#
loop_
_entity_poly.entity_id
_entity_poly.type
_entity_poly.pdbx_seq_one_letter_code
_entity_poly.pdbx_strand_id
1 'polypeptide(L)'
;GSMAWHLGIRSQSRPNDIMAEVCRAIKQLDYEWKVVNPYYLRVRRKNPVTSTFSKMSLQLYQVDSRTYLLDFRSIDDEIT
EAKSGTATPQRSGSISNYRSCQRSDSDAEAQGKPSEVSLTSSVTSLDSSPVDVAPRPGSHTIEFFEMCANLIKILAQ
;
A
2 'polypeptide(L)'
;MGPYGQEMYAFRSEERFKSPPILPPHLLQVILNKDTNISCDPALLPEPNHVMLNHLYALSIKDSVMVLSATHRYKKKYVT
TLLYKPI
;
B
3 'polypeptide(L)'
;MESVAAESAPAPENEHSQETPESNSSVYTTFMKSHRCYDLIPTSSKLVVFDTSLQVKKAFFALVTNGVRAAPLWDSKKQS
FVGMLTITDFINILHRYYKSALVQIYELEEHKIETWREVYLQDSFKPLVCISPNASLFDAVSSLIRNKIHRLPVIDPESG
NTLYILTHKRILKFLKLFITEFPKPEFMSKSLEELQIGTYANIAMVRTTTPVYVALGIFVQHRVSALPVVDEKGRVVDIY
SKFDVINLAAEKTYNNLDVSVTKALQHRSHYFEGVLKCYLHETLEAIINRLVEAEVHRLVVVDEHDVVKGIVSLSDILQA
LVLTGGEKKP
;
E
#
# COMPACT_ATOMS: atom_id res chain seq x y z
N SER A 2 1.86 -11.07 7.13
CA SER A 2 3.27 -11.35 6.76
C SER A 2 4.18 -11.50 7.99
N MET A 3 4.27 -12.73 8.50
CA MET A 3 4.98 -13.01 9.76
C MET A 3 6.50 -13.09 9.66
N ALA A 4 7.01 -14.19 9.11
CA ALA A 4 8.45 -14.48 9.19
C ALA A 4 9.24 -14.01 7.96
N TRP A 5 10.16 -13.08 8.18
CA TRP A 5 11.05 -12.58 7.10
C TRP A 5 12.46 -13.17 7.14
N HIS A 6 12.94 -13.63 5.99
CA HIS A 6 14.29 -14.18 5.95
C HIS A 6 15.20 -13.28 5.12
N LEU A 7 16.38 -12.99 5.65
CA LEU A 7 17.38 -12.23 4.90
C LEU A 7 17.88 -13.10 3.76
N GLY A 8 17.82 -12.57 2.53
CA GLY A 8 18.27 -13.29 1.34
C GLY A 8 17.64 -14.66 1.18
N ILE A 9 18.42 -15.59 0.64
CA ILE A 9 18.02 -16.99 0.49
C ILE A 9 19.16 -17.83 1.04
N ARG A 10 18.85 -19.06 1.42
CA ARG A 10 19.81 -19.96 2.01
C ARG A 10 19.97 -21.19 1.13
N SER A 11 21.12 -21.83 1.25
CA SER A 11 21.45 -23.00 0.47
C SER A 11 22.50 -23.86 1.17
N GLN A 12 22.40 -25.18 1.00
CA GLN A 12 23.42 -26.09 1.48
C GLN A 12 24.28 -26.63 0.34
N SER A 13 24.24 -25.94 -0.80
CA SER A 13 25.14 -26.27 -1.90
C SER A 13 26.55 -25.77 -1.56
N ARG A 14 27.54 -26.32 -2.23
CA ARG A 14 28.92 -25.88 -2.01
C ARG A 14 29.09 -24.40 -2.34
N PRO A 15 29.76 -23.63 -1.46
CA PRO A 15 30.02 -22.21 -1.71
C PRO A 15 30.53 -21.92 -3.13
N ASN A 16 31.54 -22.67 -3.56
CA ASN A 16 32.13 -22.49 -4.87
C ASN A 16 31.10 -22.76 -5.98
N ASP A 17 30.23 -23.75 -5.76
CA ASP A 17 29.12 -23.99 -6.68
C ASP A 17 28.17 -22.77 -6.73
N ILE A 18 27.81 -22.25 -5.56
CA ILE A 18 26.84 -21.16 -5.48
C ILE A 18 27.33 -19.97 -6.27
N MET A 19 28.54 -19.51 -5.95
CA MET A 19 29.17 -18.38 -6.61
C MET A 19 29.34 -18.59 -8.11
N ALA A 20 29.70 -19.81 -8.50
CA ALA A 20 29.86 -20.10 -9.92
C ALA A 20 28.51 -20.02 -10.61
N GLU A 21 27.48 -20.57 -9.97
CA GLU A 21 26.16 -20.54 -10.59
C GLU A 21 25.52 -19.14 -10.65
N VAL A 22 25.80 -18.27 -9.68
CA VAL A 22 25.27 -16.90 -9.79
C VAL A 22 25.93 -16.16 -10.94
N CYS A 23 27.22 -16.44 -11.14
CA CYS A 23 28.03 -15.85 -12.21
C CYS A 23 27.56 -16.26 -13.58
N ARG A 24 27.27 -17.54 -13.77
CA ARG A 24 26.67 -18.00 -15.01
C ARG A 24 25.29 -17.37 -15.19
N ALA A 25 24.51 -17.26 -14.11
CA ALA A 25 23.20 -16.57 -14.19
C ALA A 25 23.34 -15.11 -14.62
N ILE A 26 24.27 -14.39 -14.02
CA ILE A 26 24.54 -12.99 -14.41
C ILE A 26 24.83 -12.87 -15.93
N LYS A 27 25.75 -13.69 -16.42
CA LYS A 27 26.17 -13.66 -17.82
C LYS A 27 25.04 -14.01 -18.77
N GLN A 28 24.28 -15.05 -18.42
CA GLN A 28 23.12 -15.45 -19.19
C GLN A 28 22.13 -14.28 -19.32
N LEU A 29 21.95 -13.53 -18.23
CA LEU A 29 21.00 -12.43 -18.20
C LEU A 29 21.48 -11.15 -18.87
N ASP A 30 22.75 -11.11 -19.30
CA ASP A 30 23.33 -9.89 -19.87
C ASP A 30 23.50 -8.77 -18.86
N TYR A 31 23.66 -9.14 -17.59
CA TYR A 31 24.01 -8.18 -16.55
C TYR A 31 25.53 -8.05 -16.61
N GLU A 32 26.08 -6.99 -16.04
CA GLU A 32 27.52 -6.88 -15.98
C GLU A 32 27.99 -6.94 -14.54
N TRP A 33 29.18 -7.50 -14.32
CA TRP A 33 29.64 -7.73 -12.96
C TRP A 33 31.11 -7.51 -12.73
N LYS A 34 31.44 -7.37 -11.45
CA LYS A 34 32.80 -7.30 -10.97
C LYS A 34 32.92 -8.18 -9.74
N VAL A 35 34.01 -8.95 -9.71
CA VAL A 35 34.31 -9.79 -8.57
C VAL A 35 35.19 -8.97 -7.63
N VAL A 36 34.59 -8.50 -6.55
CA VAL A 36 35.34 -7.83 -5.49
C VAL A 36 36.14 -8.89 -4.69
N ASN A 37 35.42 -9.87 -4.14
CA ASN A 37 35.94 -11.04 -3.39
C ASN A 37 35.43 -12.30 -4.04
N PRO A 38 36.04 -13.45 -3.72
CA PRO A 38 35.36 -14.70 -4.06
C PRO A 38 33.91 -14.79 -3.55
N TYR A 39 33.52 -13.99 -2.57
CA TYR A 39 32.12 -14.05 -2.07
C TYR A 39 31.36 -12.75 -2.17
N TYR A 40 31.86 -11.84 -3.00
CA TYR A 40 31.29 -10.52 -3.07
C TYR A 40 31.30 -10.00 -4.51
N LEU A 41 30.11 -9.71 -5.01
CA LEU A 41 29.92 -9.29 -6.37
C LEU A 41 29.14 -8.00 -6.42
N ARG A 42 29.67 -7.07 -7.20
CA ARG A 42 28.95 -5.89 -7.63
C ARG A 42 28.36 -6.20 -9.01
N VAL A 43 27.07 -5.95 -9.22
CA VAL A 43 26.44 -6.16 -10.53
C VAL A 43 25.65 -4.94 -11.00
N ARG A 44 25.57 -4.78 -12.33
CA ARG A 44 24.95 -3.64 -12.98
C ARG A 44 24.10 -4.08 -14.17
N ARG A 45 22.97 -3.42 -14.40
CA ARG A 45 21.99 -3.90 -15.36
C ARG A 45 21.50 -2.71 -16.15
N LYS A 46 21.43 -2.83 -17.48
CA LYS A 46 20.77 -1.80 -18.28
C LYS A 46 19.33 -2.22 -18.50
N ASN A 47 18.40 -1.32 -18.18
CA ASN A 47 16.97 -1.59 -18.25
C ASN A 47 16.43 -1.59 -19.70
N PRO A 48 16.09 -2.79 -20.21
CA PRO A 48 15.75 -2.95 -21.63
C PRO A 48 14.55 -2.12 -22.09
N VAL A 49 13.81 -1.54 -21.15
CA VAL A 49 12.68 -0.66 -21.49
C VAL A 49 13.02 0.82 -21.29
N THR A 50 13.52 1.16 -20.10
CA THR A 50 13.73 2.56 -19.72
C THR A 50 15.10 3.09 -20.13
N SER A 51 16.05 2.19 -20.32
CA SER A 51 17.44 2.55 -20.62
C SER A 51 18.15 3.13 -19.39
N THR A 52 17.61 2.87 -18.21
CA THR A 52 18.29 3.26 -16.97
C THR A 52 19.15 2.12 -16.44
N PHE A 53 20.07 2.45 -15.55
CA PHE A 53 20.98 1.47 -15.00
C PHE A 53 20.73 1.23 -13.54
N SER A 54 20.77 -0.04 -13.15
CA SER A 54 20.66 -0.43 -11.74
C SER A 54 21.82 -1.30 -11.25
N LYS A 55 22.26 -0.99 -10.03
CA LYS A 55 23.38 -1.66 -9.40
C LYS A 55 22.96 -2.33 -8.09
N MET A 56 23.51 -3.52 -7.84
CA MET A 56 23.32 -4.22 -6.56
C MET A 56 24.53 -5.09 -6.20
N SER A 57 24.56 -5.54 -4.96
CA SER A 57 25.64 -6.31 -4.40
C SER A 57 25.18 -7.71 -4.02
N LEU A 58 26.01 -8.71 -4.32
CA LEU A 58 25.79 -10.04 -3.79
C LEU A 58 26.90 -10.41 -2.83
N GLN A 59 26.51 -10.90 -1.65
CA GLN A 59 27.44 -11.35 -0.62
C GLN A 59 26.97 -12.69 -0.07
N LEU A 60 27.89 -13.65 -0.04
CA LEU A 60 27.61 -14.96 0.52
C LEU A 60 28.18 -15.04 1.92
N TYR A 61 27.36 -15.57 2.82
CA TYR A 61 27.71 -15.69 4.23
C TYR A 61 27.59 -17.15 4.65
N GLN A 62 28.36 -17.53 5.66
CA GLN A 62 28.16 -18.82 6.32
C GLN A 62 27.24 -18.61 7.51
N VAL A 63 26.20 -19.43 7.61
CA VAL A 63 25.28 -19.36 8.76
C VAL A 63 25.27 -20.65 9.57
N ASP A 64 25.74 -21.74 8.95
CA ASP A 64 26.02 -23.02 9.64
C ASP A 64 27.27 -23.61 9.06
N SER A 65 27.75 -24.69 9.69
CA SER A 65 28.79 -25.51 9.08
C SER A 65 28.32 -26.07 7.72
N ARG A 66 27.01 -26.24 7.58
CA ARG A 66 26.42 -26.87 6.39
C ARG A 66 25.71 -25.86 5.50
N THR A 67 25.37 -24.70 6.06
CA THR A 67 24.41 -23.78 5.43
C THR A 67 25.00 -22.40 5.11
N TYR A 68 24.66 -21.88 3.93
CA TYR A 68 25.08 -20.54 3.50
C TYR A 68 23.89 -19.67 3.16
N LEU A 69 24.13 -18.37 3.03
CA LEU A 69 23.10 -17.38 2.84
C LEU A 69 23.56 -16.34 1.81
N LEU A 70 22.85 -16.30 0.69
CA LEU A 70 23.15 -15.32 -0.33
C LEU A 70 22.34 -14.07 -0.03
N ASP A 71 23.02 -12.92 -0.03
CA ASP A 71 22.46 -11.68 0.44
C ASP A 71 22.55 -10.65 -0.68
N PHE A 72 21.45 -9.93 -0.89
CA PHE A 72 21.34 -8.98 -1.98
C PHE A 72 21.16 -7.60 -1.38
N ARG A 73 21.92 -6.62 -1.88
CA ARG A 73 21.81 -5.27 -1.39
C ARG A 73 21.73 -4.31 -2.57
N SER A 74 20.74 -3.43 -2.56
CA SER A 74 20.64 -2.45 -3.63
C SER A 74 21.62 -1.32 -3.38
N ILE A 75 22.10 -0.71 -4.45
CA ILE A 75 23.08 0.34 -4.34
C ILE A 75 22.51 1.63 -4.90
N ASP A 76 22.49 2.67 -4.06
CA ASP A 76 21.89 3.95 -4.39
C ASP A 76 22.64 4.75 -5.44
N ASP A 77 21.93 5.68 -6.08
CA ASP A 77 22.48 6.58 -7.09
C ASP A 77 23.20 7.77 -6.49
N GLU A 78 24.15 8.33 -7.28
CA GLU A 78 24.94 9.51 -6.92
C GLU A 78 25.56 9.45 -5.53
N VAL A 133 -1.02 14.32 -13.53
CA VAL A 133 0.31 13.87 -13.14
C VAL A 133 0.41 12.34 -13.16
N ALA A 134 1.01 11.82 -14.24
CA ALA A 134 1.20 10.36 -14.45
C ALA A 134 2.66 9.93 -14.20
N PRO A 135 2.87 8.75 -13.61
CA PRO A 135 4.24 8.35 -13.24
C PRO A 135 5.14 7.96 -14.42
N ARG A 136 4.66 7.01 -15.23
CA ARG A 136 5.43 6.50 -16.38
C ARG A 136 6.83 5.95 -15.92
N PRO A 137 7.65 5.40 -16.85
CA PRO A 137 8.66 4.36 -16.53
C PRO A 137 9.63 4.54 -15.33
N GLY A 138 9.84 3.44 -14.62
CA GLY A 138 10.89 3.40 -13.60
C GLY A 138 10.47 3.33 -12.14
N SER A 139 11.13 2.46 -11.39
CA SER A 139 11.14 2.51 -9.93
C SER A 139 12.31 1.69 -9.51
N HIS A 140 13.27 2.38 -8.90
CA HIS A 140 14.53 1.78 -8.49
C HIS A 140 14.30 0.62 -7.54
N THR A 141 13.46 0.80 -6.53
CA THR A 141 13.13 -0.25 -5.56
C THR A 141 12.49 -1.48 -6.21
N ILE A 142 11.50 -1.26 -7.07
CA ILE A 142 10.87 -2.38 -7.76
C ILE A 142 11.82 -3.08 -8.75
N GLU A 143 12.67 -2.30 -9.41
CA GLU A 143 13.62 -2.89 -10.35
C GLU A 143 14.67 -3.75 -9.66
N PHE A 144 15.03 -3.35 -8.44
CA PHE A 144 15.92 -4.13 -7.59
C PHE A 144 15.30 -5.49 -7.30
N PHE A 145 14.01 -5.50 -6.90
CA PHE A 145 13.34 -6.78 -6.62
C PHE A 145 13.36 -7.69 -7.84
N GLU A 146 13.18 -7.11 -9.03
CA GLU A 146 13.13 -7.91 -10.26
C GLU A 146 14.49 -8.47 -10.65
N MET A 147 15.53 -7.68 -10.46
CA MET A 147 16.89 -8.18 -10.66
C MET A 147 17.14 -9.39 -9.77
N CYS A 148 16.83 -9.24 -8.49
CA CYS A 148 16.95 -10.33 -7.54
C CYS A 148 16.17 -11.53 -8.00
N ALA A 149 14.89 -11.32 -8.29
CA ALA A 149 14.02 -12.39 -8.70
C ALA A 149 14.62 -13.11 -9.90
N ASN A 150 15.12 -12.33 -10.85
CA ASN A 150 15.71 -12.90 -12.07
C ASN A 150 16.96 -13.71 -11.76
N LEU A 151 17.89 -13.10 -11.04
CA LEU A 151 19.08 -13.77 -10.57
C LEU A 151 18.77 -15.09 -9.87
N ILE A 152 17.80 -15.10 -8.96
CA ILE A 152 17.45 -16.32 -8.22
C ILE A 152 16.87 -17.40 -9.14
N LYS A 153 15.89 -17.04 -9.95
CA LYS A 153 15.22 -17.99 -10.84
C LYS A 153 16.21 -18.67 -11.79
N ILE A 154 17.19 -17.89 -12.24
CA ILE A 154 18.09 -18.29 -13.32
C ILE A 154 19.34 -19.02 -12.81
N LEU A 155 19.38 -19.29 -11.50
CA LEU A 155 20.46 -20.10 -10.95
C LEU A 155 20.13 -21.01 -9.75
N ALA A 156 18.98 -20.85 -9.14
CA ALA A 156 18.72 -21.50 -7.88
C ALA A 156 17.65 -22.57 -8.04
N GLN A 157 17.75 -23.64 -7.24
CA GLN A 157 16.73 -24.69 -7.15
C GLN A 157 16.43 -25.39 -8.48
N GLY B 5 71.00 -16.68 -12.43
CA GLY B 5 69.78 -15.93 -12.02
C GLY B 5 68.63 -16.83 -11.58
N GLN B 6 68.46 -16.97 -10.26
CA GLN B 6 67.54 -17.95 -9.66
C GLN B 6 66.08 -17.86 -10.13
N GLU B 7 65.34 -18.96 -9.93
CA GLU B 7 63.91 -18.95 -10.11
C GLU B 7 63.27 -18.18 -8.94
N MET B 8 62.00 -17.82 -9.09
CA MET B 8 61.31 -17.12 -8.03
C MET B 8 60.13 -17.93 -7.50
N TYR B 9 59.77 -17.68 -6.26
CA TYR B 9 58.76 -18.46 -5.57
C TYR B 9 57.49 -17.66 -5.23
N ALA B 10 56.35 -18.34 -5.27
CA ALA B 10 55.09 -17.71 -4.96
C ALA B 10 54.49 -18.25 -3.66
N PHE B 11 54.43 -17.38 -2.66
CA PHE B 11 53.75 -17.67 -1.42
C PHE B 11 52.36 -17.10 -1.57
N ARG B 12 51.38 -17.99 -1.70
CA ARG B 12 50.03 -17.60 -2.04
C ARG B 12 49.12 -17.59 -0.82
N SER B 13 48.40 -16.47 -0.68
CA SER B 13 47.66 -16.09 0.52
C SER B 13 46.74 -17.20 1.02
N GLU B 14 45.70 -17.48 0.24
CA GLU B 14 44.76 -18.57 0.50
C GLU B 14 44.03 -18.42 1.84
N GLU B 15 43.01 -19.23 2.04
CA GLU B 15 42.05 -18.98 3.10
C GLU B 15 41.68 -17.48 3.12
N ARG B 16 41.35 -16.98 4.31
CA ARG B 16 40.58 -15.72 4.45
C ARG B 16 39.33 -15.77 3.58
N PHE B 17 39.47 -16.19 2.36
CA PHE B 17 38.35 -16.49 1.49
C PHE B 17 38.26 -18.00 1.30
N LYS B 18 38.60 -18.70 2.40
CA LYS B 18 38.42 -20.16 2.53
C LYS B 18 36.93 -20.50 2.67
N SER B 19 36.38 -20.19 3.80
CA SER B 19 34.95 -20.24 3.98
C SER B 19 34.44 -18.81 3.80
N PRO B 20 33.19 -18.64 3.32
CA PRO B 20 32.55 -17.33 3.30
C PRO B 20 32.44 -16.71 4.69
N PRO B 21 32.43 -15.38 4.80
CA PRO B 21 32.29 -14.73 6.11
C PRO B 21 31.06 -15.20 6.89
N ILE B 22 31.18 -15.30 8.20
CA ILE B 22 30.02 -15.59 9.04
C ILE B 22 29.12 -14.36 9.05
N LEU B 23 27.84 -14.58 9.30
CA LEU B 23 26.88 -13.48 9.24
C LEU B 23 27.11 -12.41 10.33
N PRO B 24 26.50 -12.55 11.53
CA PRO B 24 26.10 -11.36 12.32
C PRO B 24 27.14 -10.24 12.52
N PRO B 25 27.17 -9.24 11.60
CA PRO B 25 27.71 -7.97 12.06
C PRO B 25 26.70 -7.38 13.06
N HIS B 26 25.51 -7.03 12.57
CA HIS B 26 24.36 -6.62 13.39
C HIS B 26 23.09 -6.81 12.53
N LEU B 27 23.24 -7.62 11.48
CA LEU B 27 22.26 -7.82 10.40
C LEU B 27 21.44 -9.05 10.68
N LEU B 28 20.12 -8.88 10.83
CA LEU B 28 19.26 -9.98 11.29
C LEU B 28 18.91 -10.96 10.16
N GLN B 29 19.10 -12.25 10.45
CA GLN B 29 18.79 -13.37 9.56
C GLN B 29 17.30 -13.54 9.38
N VAL B 30 16.57 -13.39 10.48
CA VAL B 30 15.11 -13.52 10.51
C VAL B 30 14.46 -12.32 11.17
N ILE B 31 13.31 -11.92 10.64
CA ILE B 31 12.51 -10.85 11.23
C ILE B 31 11.11 -11.38 11.46
N LEU B 32 10.74 -11.56 12.72
CA LEU B 32 9.38 -11.95 13.10
C LEU B 32 8.52 -10.70 13.18
N ASN B 33 7.52 -10.61 12.32
CA ASN B 33 6.51 -9.55 12.39
C ASN B 33 5.10 -10.12 12.61
N LYS B 34 4.97 -10.89 13.69
CA LYS B 34 3.69 -11.40 14.17
C LYS B 34 2.78 -10.23 14.57
N ASP B 35 3.05 -9.63 15.74
CA ASP B 35 2.36 -8.43 16.24
C ASP B 35 0.84 -8.57 16.50
N THR B 36 0.23 -9.62 15.94
CA THR B 36 -1.23 -9.70 15.69
C THR B 36 -1.54 -8.89 14.42
N ASN B 37 -0.69 -9.06 13.40
CA ASN B 37 -0.69 -8.27 12.16
C ASN B 37 -1.93 -8.47 11.30
N PRO B 48 13.80 1.31 13.37
CA PRO B 48 14.81 1.54 14.41
C PRO B 48 16.10 0.73 14.24
N ASN B 49 16.22 -0.01 13.13
CA ASN B 49 17.39 -0.87 12.87
C ASN B 49 18.34 -0.40 11.76
N HIS B 50 19.62 -0.70 11.93
CA HIS B 50 20.69 0.04 11.26
C HIS B 50 20.98 -0.34 9.80
N VAL B 51 21.90 -1.30 9.62
CA VAL B 51 22.46 -1.61 8.30
C VAL B 51 21.66 -2.70 7.55
N MET B 52 20.40 -2.91 7.93
CA MET B 52 19.56 -3.81 7.15
C MET B 52 18.85 -3.06 6.03
N LEU B 53 19.11 -1.74 5.96
CA LEU B 53 18.66 -0.92 4.86
C LEU B 53 19.19 -1.45 3.55
N ASN B 54 18.32 -1.43 2.54
CA ASN B 54 18.66 -1.85 1.18
C ASN B 54 18.80 -3.36 0.96
N HIS B 55 18.66 -4.15 2.02
CA HIS B 55 18.81 -5.60 1.94
C HIS B 55 17.53 -6.30 1.58
N LEU B 56 17.65 -7.36 0.79
CA LEU B 56 16.49 -8.13 0.37
C LEU B 56 16.01 -9.09 1.47
N TYR B 57 14.69 -9.08 1.70
CA TYR B 57 14.03 -10.05 2.58
C TYR B 57 12.93 -10.70 1.78
N ALA B 58 12.61 -11.94 2.16
CA ALA B 58 11.52 -12.67 1.53
C ALA B 58 10.73 -13.51 2.54
N LEU B 59 9.47 -13.74 2.23
CA LEU B 59 8.68 -14.77 2.88
C LEU B 59 8.87 -16.04 2.07
N SER B 60 8.67 -17.17 2.73
CA SER B 60 8.64 -18.47 2.06
C SER B 60 7.66 -18.42 0.89
N ILE B 61 8.05 -19.00 -0.23
CA ILE B 61 7.15 -19.15 -1.36
C ILE B 61 5.97 -20.01 -0.94
N LYS B 62 4.76 -19.49 -1.10
CA LYS B 62 3.55 -20.20 -0.77
C LYS B 62 2.55 -20.07 -1.90
N ASP B 63 2.11 -21.21 -2.44
CA ASP B 63 1.09 -21.26 -3.50
C ASP B 63 1.48 -20.40 -4.71
N SER B 64 2.73 -20.59 -5.14
CA SER B 64 3.29 -20.01 -6.37
C SER B 64 3.50 -18.49 -6.36
N VAL B 65 3.54 -17.88 -5.18
CA VAL B 65 3.77 -16.43 -5.06
C VAL B 65 5.05 -16.06 -4.30
N MET B 66 5.80 -15.11 -4.88
CA MET B 66 7.01 -14.52 -4.30
C MET B 66 6.69 -13.23 -3.58
N VAL B 67 7.14 -13.12 -2.33
CA VAL B 67 7.03 -11.85 -1.61
C VAL B 67 8.40 -11.30 -1.24
N LEU B 68 8.81 -10.29 -1.98
CA LEU B 68 10.11 -9.64 -1.81
C LEU B 68 9.93 -8.33 -1.07
N SER B 69 10.91 -7.97 -0.27
CA SER B 69 10.81 -6.81 0.61
C SER B 69 12.18 -6.24 0.95
N ALA B 70 12.22 -4.94 1.20
CA ALA B 70 13.44 -4.22 1.59
C ALA B 70 13.04 -2.85 2.13
N THR B 71 13.87 -2.26 2.98
CA THR B 71 13.60 -0.91 3.46
C THR B 71 14.59 0.06 2.82
N HIS B 72 14.06 1.15 2.27
CA HIS B 72 14.88 2.18 1.64
C HIS B 72 14.62 3.51 2.29
N ARG B 73 15.50 4.46 2.01
CA ARG B 73 15.48 5.74 2.65
C ARG B 73 15.36 6.84 1.61
N TYR B 74 14.41 7.74 1.83
CA TYR B 74 14.30 8.98 1.11
C TYR B 74 14.44 10.07 2.16
N LYS B 75 15.52 10.84 2.03
CA LYS B 75 15.88 11.85 3.01
C LYS B 75 15.81 11.28 4.42
N LYS B 76 14.80 11.65 5.21
CA LYS B 76 14.67 11.18 6.60
C LYS B 76 13.56 10.14 6.77
N LYS B 77 12.98 9.69 5.67
CA LYS B 77 11.83 8.81 5.75
C LYS B 77 12.24 7.43 5.26
N TYR B 78 11.68 6.41 5.90
CA TYR B 78 11.95 5.02 5.57
C TYR B 78 10.67 4.33 5.20
N VAL B 79 10.72 3.60 4.11
CA VAL B 79 9.58 2.81 3.68
C VAL B 79 10.04 1.38 3.38
N THR B 80 9.27 0.43 3.89
CA THR B 80 9.47 -0.98 3.62
C THR B 80 8.51 -1.35 2.49
N THR B 81 9.07 -1.77 1.36
CA THR B 81 8.26 -2.08 0.19
C THR B 81 8.10 -3.58 0.03
N LEU B 82 6.88 -4.05 -0.23
CA LEU B 82 6.64 -5.46 -0.48
C LEU B 82 6.16 -5.66 -1.89
N LEU B 83 6.77 -6.60 -2.59
CA LEU B 83 6.30 -6.95 -3.92
C LEU B 83 5.71 -8.34 -3.92
N TYR B 84 4.46 -8.44 -4.35
CA TYR B 84 3.81 -9.73 -4.57
C TYR B 84 3.89 -10.00 -6.04
N LYS B 85 4.51 -11.12 -6.37
CA LYS B 85 4.92 -11.44 -7.73
C LYS B 85 4.75 -12.95 -7.96
N PRO B 86 3.99 -13.36 -9.00
CA PRO B 86 3.88 -14.79 -9.33
C PRO B 86 5.22 -15.35 -9.82
N ILE B 87 5.35 -16.67 -9.78
CA ILE B 87 6.47 -17.36 -10.45
C ILE B 87 6.03 -17.84 -11.85
N SER C 23 -11.76 34.79 7.63
CA SER C 23 -12.15 33.52 6.96
C SER C 23 -11.49 33.34 5.57
N ASN C 24 -11.64 34.37 4.73
CA ASN C 24 -11.22 34.40 3.31
C ASN C 24 -9.70 34.35 3.05
N SER C 25 -9.29 33.34 2.27
CA SER C 25 -7.88 33.02 1.99
C SER C 25 -7.36 32.03 3.03
N SER C 26 -7.70 32.27 4.29
CA SER C 26 -7.61 31.25 5.34
C SER C 26 -6.22 30.78 5.73
N VAL C 27 -6.07 30.56 7.04
CA VAL C 27 -4.89 29.97 7.64
C VAL C 27 -4.64 28.54 7.06
N TYR C 28 -5.72 27.89 6.64
CA TYR C 28 -5.61 26.56 6.06
C TYR C 28 -5.03 26.56 4.64
N THR C 29 -5.54 27.46 3.80
CA THR C 29 -5.12 27.55 2.40
C THR C 29 -3.62 27.92 2.26
N THR C 30 -3.18 28.90 3.03
CA THR C 30 -1.77 29.30 3.07
C THR C 30 -0.89 28.19 3.63
N PHE C 31 -1.32 27.60 4.74
CA PHE C 31 -0.62 26.44 5.33
C PHE C 31 -0.39 25.32 4.31
N MET C 32 -1.44 24.95 3.58
CA MET C 32 -1.39 23.90 2.56
C MET C 32 -0.50 24.23 1.38
N LYS C 33 -0.46 25.50 1.00
CA LYS C 33 0.39 25.96 -0.10
C LYS C 33 1.87 26.03 0.30
N SER C 34 2.13 26.05 1.60
CA SER C 34 3.47 26.26 2.12
C SER C 34 4.05 25.03 2.81
N HIS C 35 3.38 23.89 2.67
CA HIS C 35 3.95 22.61 3.12
C HIS C 35 4.01 21.59 1.98
N ARG C 36 5.11 20.84 1.96
CA ARG C 36 5.31 19.77 1.00
C ARG C 36 4.59 18.50 1.45
N CYS C 37 4.21 17.65 0.51
CA CYS C 37 3.70 16.31 0.81
C CYS C 37 4.66 15.50 1.68
N TYR C 38 5.94 15.65 1.41
CA TYR C 38 6.99 14.99 2.17
C TYR C 38 6.78 15.13 3.67
N ASP C 39 6.36 16.31 4.10
CA ASP C 39 6.22 16.63 5.51
C ASP C 39 5.17 15.80 6.23
N LEU C 40 4.26 15.16 5.48
CA LEU C 40 3.20 14.36 6.10
C LEU C 40 3.54 12.90 6.20
N ILE C 41 4.59 12.48 5.49
CA ILE C 41 5.03 11.09 5.47
C ILE C 41 5.57 10.69 6.85
N PRO C 42 5.14 9.54 7.39
CA PRO C 42 5.70 9.18 8.69
C PRO C 42 7.13 8.71 8.52
N THR C 43 7.89 8.69 9.61
CA THR C 43 9.31 8.35 9.59
C THR C 43 9.52 6.98 9.01
N SER C 44 8.56 6.09 9.23
CA SER C 44 8.64 4.73 8.78
C SER C 44 7.26 4.23 8.39
N SER C 45 7.14 3.64 7.19
CA SER C 45 5.86 3.09 6.73
C SER C 45 6.09 1.85 5.89
N LYS C 46 5.06 1.01 5.75
CA LYS C 46 5.10 -0.11 4.81
C LYS C 46 4.22 0.18 3.60
N LEU C 47 4.57 -0.44 2.48
CA LEU C 47 3.85 -0.25 1.24
C LEU C 47 3.78 -1.58 0.54
N VAL C 48 2.61 -1.94 0.05
CA VAL C 48 2.44 -3.21 -0.66
C VAL C 48 2.28 -2.96 -2.16
N VAL C 49 3.10 -3.61 -2.97
CA VAL C 49 3.00 -3.45 -4.42
C VAL C 49 2.64 -4.77 -5.08
N PHE C 50 1.68 -4.72 -6.00
CA PHE C 50 1.29 -5.89 -6.77
C PHE C 50 1.76 -5.83 -8.21
N ASP C 51 2.42 -6.89 -8.66
CA ASP C 51 2.69 -7.05 -10.08
C ASP C 51 1.33 -7.33 -10.73
N THR C 52 1.06 -6.72 -11.89
CA THR C 52 -0.25 -6.86 -12.54
C THR C 52 -0.59 -8.30 -13.01
N SER C 53 0.42 -9.17 -13.07
CA SER C 53 0.16 -10.57 -13.43
C SER C 53 -0.34 -11.41 -12.24
N LEU C 54 -0.51 -10.78 -11.08
CA LEU C 54 -0.90 -11.49 -9.88
C LEU C 54 -2.37 -11.84 -9.93
N GLN C 55 -2.70 -13.03 -9.43
CA GLN C 55 -4.10 -13.43 -9.28
C GLN C 55 -4.88 -12.50 -8.33
N VAL C 56 -5.96 -11.92 -8.84
CA VAL C 56 -6.87 -11.06 -8.07
C VAL C 56 -7.13 -11.57 -6.64
N LYS C 57 -7.37 -12.87 -6.52
CA LYS C 57 -7.70 -13.52 -5.27
C LYS C 57 -6.58 -13.40 -4.26
N LYS C 58 -5.35 -13.65 -4.72
CA LYS C 58 -4.18 -13.59 -3.85
C LYS C 58 -3.93 -12.15 -3.42
N ALA C 59 -4.16 -11.23 -4.36
CA ALA C 59 -3.97 -9.80 -4.13
C ALA C 59 -4.86 -9.24 -3.02
N PHE C 60 -6.12 -9.66 -2.98
CA PHE C 60 -7.01 -9.19 -1.92
C PHE C 60 -6.73 -9.84 -0.58
N PHE C 61 -6.24 -11.08 -0.62
CA PHE C 61 -5.80 -11.72 0.60
C PHE C 61 -4.58 -11.01 1.19
N ALA C 62 -3.75 -10.41 0.34
CA ALA C 62 -2.54 -9.70 0.79
C ALA C 62 -2.85 -8.37 1.49
N LEU C 63 -3.88 -7.67 1.02
CA LEU C 63 -4.34 -6.47 1.71
C LEU C 63 -4.69 -6.79 3.17
N VAL C 64 -5.55 -7.78 3.37
CA VAL C 64 -5.94 -8.22 4.72
C VAL C 64 -4.72 -8.60 5.57
N THR C 65 -3.89 -9.50 5.03
CA THR C 65 -2.71 -10.00 5.73
C THR C 65 -1.81 -8.88 6.25
N ASN C 66 -1.63 -7.86 5.41
CA ASN C 66 -0.73 -6.75 5.70
C ASN C 66 -1.37 -5.59 6.46
N GLY C 67 -2.70 -5.61 6.56
CA GLY C 67 -3.47 -4.55 7.25
C GLY C 67 -3.33 -3.23 6.55
N VAL C 68 -3.78 -3.21 5.29
CA VAL C 68 -3.50 -2.14 4.35
C VAL C 68 -4.71 -2.01 3.44
N ARG C 69 -4.96 -0.80 2.96
CA ARG C 69 -6.18 -0.49 2.26
C ARG C 69 -6.01 -0.43 0.76
N ALA C 70 -4.81 -0.11 0.31
CA ALA C 70 -4.57 0.11 -1.11
C ALA C 70 -3.15 -0.31 -1.46
N ALA C 71 -2.96 -0.76 -2.69
CA ALA C 71 -1.66 -1.24 -3.14
C ALA C 71 -1.37 -0.79 -4.56
N PRO C 72 -0.26 -0.05 -4.78
CA PRO C 72 0.12 0.30 -6.14
C PRO C 72 0.26 -0.91 -7.06
N LEU C 73 0.01 -0.69 -8.35
CA LEU C 73 0.11 -1.75 -9.34
C LEU C 73 1.28 -1.50 -10.26
N TRP C 74 2.10 -2.53 -10.44
CA TRP C 74 3.31 -2.45 -11.24
C TRP C 74 3.14 -3.33 -12.46
N ASP C 75 3.24 -2.73 -13.65
CA ASP C 75 3.21 -3.48 -14.90
C ASP C 75 4.64 -3.80 -15.34
N SER C 76 5.00 -5.07 -15.26
CA SER C 76 6.36 -5.53 -15.53
C SER C 76 6.83 -5.37 -16.99
N LYS C 77 5.92 -5.62 -17.93
CA LYS C 77 6.18 -5.39 -19.35
C LYS C 77 6.54 -3.93 -19.62
N LYS C 78 5.79 -3.02 -19.00
CA LYS C 78 5.91 -1.58 -19.26
C LYS C 78 6.92 -0.90 -18.35
N GLN C 79 7.29 -1.58 -17.25
CA GLN C 79 8.20 -1.07 -16.22
C GLN C 79 7.73 0.24 -15.57
N SER C 80 6.46 0.26 -15.15
CA SER C 80 5.92 1.42 -14.44
C SER C 80 4.66 1.08 -13.65
N PHE C 81 4.33 1.98 -12.74
CA PHE C 81 3.08 1.86 -12.04
C PHE C 81 2.00 2.27 -13.02
N VAL C 82 0.87 1.56 -12.99
CA VAL C 82 -0.22 1.83 -13.92
C VAL C 82 -1.55 2.15 -13.22
N GLY C 83 -1.60 1.89 -11.91
CA GLY C 83 -2.80 2.14 -11.12
C GLY C 83 -2.74 1.63 -9.69
N MET C 84 -3.91 1.56 -9.06
CA MET C 84 -4.07 1.22 -7.66
C MET C 84 -4.99 0.01 -7.55
N LEU C 85 -4.88 -0.73 -6.46
CA LEU C 85 -5.90 -1.71 -6.11
C LEU C 85 -6.43 -1.35 -4.74
N THR C 86 -7.72 -1.03 -4.69
CA THR C 86 -8.38 -0.63 -3.44
C THR C 86 -9.53 -1.57 -3.10
N ILE C 87 -10.15 -1.36 -1.94
CA ILE C 87 -11.30 -2.14 -1.52
C ILE C 87 -12.46 -1.96 -2.52
N THR C 88 -12.56 -0.78 -3.12
CA THR C 88 -13.61 -0.51 -4.12
C THR C 88 -13.52 -1.52 -5.28
N ASP C 89 -12.30 -1.78 -5.74
CA ASP C 89 -12.12 -2.77 -6.79
C ASP C 89 -12.55 -4.14 -6.28
N PHE C 90 -12.18 -4.43 -5.03
CA PHE C 90 -12.59 -5.66 -4.38
C PHE C 90 -14.11 -5.77 -4.32
N ILE C 91 -14.78 -4.69 -3.95
CA ILE C 91 -16.25 -4.68 -3.90
C ILE C 91 -16.82 -4.89 -5.28
N ASN C 92 -16.31 -4.14 -6.26
CA ASN C 92 -16.71 -4.34 -7.66
C ASN C 92 -16.56 -5.78 -8.14
N ILE C 93 -15.46 -6.43 -7.76
CA ILE C 93 -15.17 -7.80 -8.18
C ILE C 93 -16.10 -8.81 -7.50
N LEU C 94 -16.37 -8.60 -6.20
CA LEU C 94 -17.28 -9.49 -5.48
C LEU C 94 -18.70 -9.39 -6.01
N HIS C 95 -19.13 -8.18 -6.33
CA HIS C 95 -20.43 -7.94 -6.94
C HIS C 95 -20.57 -8.68 -8.28
N ARG C 96 -19.53 -8.59 -9.12
CA ARG C 96 -19.52 -9.28 -10.41
C ARG C 96 -19.42 -10.79 -10.28
N TYR C 97 -18.67 -11.25 -9.28
CA TYR C 97 -18.55 -12.67 -9.02
C TYR C 97 -19.90 -13.22 -8.56
N TYR C 98 -20.53 -12.51 -7.64
CA TYR C 98 -21.79 -12.96 -7.08
C TYR C 98 -22.85 -13.13 -8.16
N LYS C 99 -22.96 -12.14 -9.05
CA LYS C 99 -23.96 -12.18 -10.11
C LYS C 99 -23.58 -13.22 -11.15
N SER C 100 -22.30 -13.34 -11.44
CA SER C 100 -21.83 -14.31 -12.43
C SER C 100 -22.08 -15.74 -12.00
N ALA C 101 -21.87 -16.03 -10.73
CA ALA C 101 -22.11 -17.36 -10.18
C ALA C 101 -23.54 -17.81 -10.39
N LEU C 102 -24.48 -16.88 -10.26
CA LEU C 102 -25.89 -17.22 -10.40
C LEU C 102 -26.21 -17.58 -11.84
N VAL C 103 -25.30 -17.21 -12.73
CA VAL C 103 -25.49 -17.48 -14.14
C VAL C 103 -24.42 -18.45 -14.67
N GLN C 104 -23.78 -19.13 -13.74
CA GLN C 104 -22.77 -20.20 -13.99
C GLN C 104 -21.50 -19.74 -14.71
N ILE C 105 -21.05 -18.53 -14.41
CA ILE C 105 -19.82 -17.96 -14.97
C ILE C 105 -18.83 -17.77 -13.81
N TYR C 106 -17.70 -18.48 -13.85
CA TYR C 106 -16.80 -18.49 -12.71
C TYR C 106 -15.40 -17.96 -13.01
N GLU C 107 -15.28 -17.19 -14.09
CA GLU C 107 -14.01 -16.59 -14.50
C GLU C 107 -13.36 -15.83 -13.36
N LEU C 108 -14.16 -14.95 -12.77
CA LEU C 108 -13.65 -13.87 -11.95
C LEU C 108 -12.48 -14.27 -11.08
N GLU C 109 -12.61 -15.36 -10.33
CA GLU C 109 -11.61 -15.66 -9.30
C GLU C 109 -10.20 -16.02 -9.79
N GLU C 110 -10.12 -16.49 -11.04
CA GLU C 110 -8.83 -16.82 -11.69
C GLU C 110 -8.27 -15.68 -12.54
N HIS C 111 -8.96 -14.54 -12.56
CA HIS C 111 -8.47 -13.33 -13.22
C HIS C 111 -7.15 -12.90 -12.59
N LYS C 112 -6.19 -12.52 -13.42
CA LYS C 112 -5.10 -11.73 -12.90
C LYS C 112 -5.50 -10.25 -12.90
N ILE C 113 -4.91 -9.47 -12.02
CA ILE C 113 -5.14 -8.02 -11.96
C ILE C 113 -5.22 -7.45 -13.38
N GLU C 114 -4.21 -7.76 -14.20
CA GLU C 114 -4.13 -7.45 -15.63
C GLU C 114 -5.48 -7.62 -16.33
N THR C 115 -6.04 -8.82 -16.21
CA THR C 115 -7.21 -9.23 -16.98
C THR C 115 -8.50 -8.60 -16.47
N TRP C 116 -8.57 -8.32 -15.17
CA TRP C 116 -9.72 -7.61 -14.61
C TRP C 116 -9.70 -6.15 -15.00
N ARG C 117 -8.52 -5.53 -14.94
CA ARG C 117 -8.35 -4.16 -15.40
C ARG C 117 -8.74 -4.01 -16.87
N GLU C 118 -8.40 -5.02 -17.68
CA GLU C 118 -8.79 -5.01 -19.08
C GLU C 118 -10.30 -5.18 -19.26
N VAL C 119 -10.92 -5.90 -18.32
CA VAL C 119 -12.37 -6.07 -18.32
C VAL C 119 -13.12 -4.77 -17.97
N TYR C 120 -12.59 -3.95 -17.06
CA TYR C 120 -13.31 -2.75 -16.68
C TYR C 120 -12.76 -1.39 -17.16
N LEU C 121 -11.45 -1.20 -17.11
CA LEU C 121 -10.84 0.02 -17.66
C LEU C 121 -10.95 0.03 -19.20
N GLN C 122 -12.03 -0.56 -19.72
CA GLN C 122 -12.18 -0.96 -21.13
C GLN C 122 -11.49 -0.06 -22.16
N ASP C 123 -12.32 0.61 -22.96
CA ASP C 123 -11.88 1.64 -23.88
C ASP C 123 -11.55 2.92 -23.10
N SER C 124 -12.41 3.24 -22.15
CA SER C 124 -12.24 4.44 -21.33
C SER C 124 -11.00 4.31 -20.47
N PHE C 125 -10.09 5.26 -20.62
CA PHE C 125 -8.82 5.20 -19.91
C PHE C 125 -8.85 6.05 -18.65
N LYS C 126 -8.32 5.48 -17.56
CA LYS C 126 -8.06 6.21 -16.32
C LYS C 126 -6.63 5.93 -15.88
N PRO C 127 -5.72 6.87 -16.18
CA PRO C 127 -4.31 6.70 -15.80
C PRO C 127 -4.11 6.80 -14.30
N LEU C 128 -2.95 6.37 -13.81
CA LEU C 128 -2.64 6.53 -12.39
C LEU C 128 -2.41 7.99 -12.07
N VAL C 129 -3.10 8.51 -11.06
CA VAL C 129 -2.79 9.84 -10.56
C VAL C 129 -1.89 9.72 -9.34
N CYS C 130 -0.84 10.53 -9.32
CA CYS C 130 0.11 10.52 -8.22
C CYS C 130 0.66 11.90 -8.02
N ILE C 131 1.48 12.05 -6.98
CA ILE C 131 2.00 13.37 -6.65
C ILE C 131 3.45 13.26 -6.20
N SER C 132 4.25 14.25 -6.59
CA SER C 132 5.62 14.38 -6.15
C SER C 132 5.69 14.69 -4.65
N PRO C 133 6.72 14.19 -3.94
CA PRO C 133 6.97 14.59 -2.54
C PRO C 133 7.26 16.08 -2.35
N ASN C 134 7.66 16.77 -3.42
CA ASN C 134 7.96 18.20 -3.36
C ASN C 134 6.77 19.12 -3.69
N ALA C 135 5.64 18.52 -4.04
CA ALA C 135 4.45 19.28 -4.39
C ALA C 135 3.73 19.76 -3.15
N SER C 136 3.04 20.89 -3.25
CA SER C 136 2.28 21.45 -2.14
C SER C 136 1.21 20.48 -1.67
N LEU C 137 0.87 20.58 -0.39
CA LEU C 137 -0.20 19.78 0.18
C LEU C 137 -1.55 20.22 -0.41
N PHE C 138 -1.60 21.49 -0.83
CA PHE C 138 -2.74 22.02 -1.56
C PHE C 138 -2.97 21.23 -2.83
N ASP C 139 -1.90 21.05 -3.60
CA ASP C 139 -1.96 20.25 -4.82
C ASP C 139 -2.44 18.84 -4.56
N ALA C 140 -2.05 18.27 -3.41
CA ALA C 140 -2.49 16.92 -3.03
C ALA C 140 -3.98 16.88 -2.75
N VAL C 141 -4.44 17.82 -1.91
CA VAL C 141 -5.88 17.97 -1.66
C VAL C 141 -6.67 18.21 -2.95
N SER C 142 -6.16 19.07 -3.84
CA SER C 142 -6.87 19.36 -5.09
C SER C 142 -6.94 18.14 -6.03
N SER C 143 -5.90 17.32 -6.03
CA SER C 143 -5.87 16.13 -6.86
C SER C 143 -6.84 15.06 -6.37
N LEU C 144 -6.95 14.90 -5.04
CA LEU C 144 -7.92 13.95 -4.45
C LEU C 144 -9.36 14.34 -4.74
N ILE C 145 -9.68 15.64 -4.62
CA ILE C 145 -11.04 16.08 -4.87
C ILE C 145 -11.34 15.92 -6.33
N ARG C 146 -10.47 16.46 -7.17
CA ARG C 146 -10.73 16.60 -8.60
C ARG C 146 -10.78 15.24 -9.32
N ASN C 147 -9.96 14.31 -8.87
CA ASN C 147 -9.95 12.96 -9.46
C ASN C 147 -10.93 12.02 -8.78
N LYS C 148 -11.56 12.52 -7.72
CA LYS C 148 -12.61 11.81 -6.97
C LYS C 148 -12.02 10.54 -6.37
N ILE C 149 -11.00 10.76 -5.57
CA ILE C 149 -10.10 9.70 -5.16
C ILE C 149 -9.71 9.80 -3.68
N HIS C 150 -9.51 8.62 -3.06
CA HIS C 150 -9.09 8.55 -1.65
C HIS C 150 -7.65 8.09 -1.40
N ARG C 151 -6.91 7.78 -2.46
CA ARG C 151 -5.51 7.30 -2.28
C ARG C 151 -4.62 8.02 -3.27
N LEU C 152 -3.68 8.80 -2.77
CA LEU C 152 -2.77 9.50 -3.65
C LEU C 152 -1.34 9.03 -3.37
N PRO C 153 -0.78 8.15 -4.21
CA PRO C 153 0.61 7.72 -4.02
C PRO C 153 1.60 8.86 -4.23
N VAL C 154 2.48 9.03 -3.26
CA VAL C 154 3.57 9.99 -3.32
C VAL C 154 4.74 9.30 -3.98
N ILE C 155 5.13 9.79 -5.16
CA ILE C 155 6.15 9.15 -5.96
C ILE C 155 7.30 10.12 -6.25
N ASP C 156 8.50 9.69 -5.86
CA ASP C 156 9.74 10.43 -6.12
C ASP C 156 10.12 10.44 -7.62
N PRO C 157 10.11 11.62 -8.24
CA PRO C 157 10.44 11.66 -9.67
C PRO C 157 11.89 11.31 -10.01
N GLU C 158 12.79 11.37 -9.02
CA GLU C 158 14.20 10.98 -9.27
C GLU C 158 14.39 9.47 -9.37
N SER C 159 13.82 8.74 -8.41
CA SER C 159 14.03 7.29 -8.28
C SER C 159 12.89 6.47 -8.89
N GLY C 160 11.70 7.07 -8.95
CA GLY C 160 10.50 6.38 -9.39
C GLY C 160 9.77 5.65 -8.27
N ASN C 161 10.33 5.71 -7.07
CA ASN C 161 9.76 5.00 -5.93
C ASN C 161 8.48 5.66 -5.39
N THR C 162 7.49 4.81 -5.12
CA THR C 162 6.39 5.21 -4.30
C THR C 162 6.91 5.23 -2.88
N LEU C 163 6.73 6.37 -2.22
CA LEU C 163 7.22 6.58 -0.86
C LEU C 163 6.16 6.28 0.19
N TYR C 164 4.89 6.39 -0.21
CA TYR C 164 3.81 6.55 0.73
C TYR C 164 2.51 6.79 -0.02
N ILE C 165 1.41 6.41 0.62
CA ILE C 165 0.09 6.65 0.07
C ILE C 165 -0.64 7.63 0.96
N LEU C 166 -0.98 8.78 0.38
CA LEU C 166 -1.57 9.87 1.14
C LEU C 166 -3.07 9.76 1.10
N THR C 167 -3.71 10.02 2.23
CA THR C 167 -5.17 9.92 2.38
C THR C 167 -5.74 11.16 3.04
N HIS C 168 -7.04 11.39 2.85
CA HIS C 168 -7.77 12.46 3.52
C HIS C 168 -7.55 12.47 5.02
N LYS C 169 -7.65 11.29 5.64
CA LYS C 169 -7.55 11.17 7.10
C LYS C 169 -6.23 11.75 7.60
N ARG C 170 -5.14 11.33 6.97
CA ARG C 170 -3.81 11.82 7.29
C ARG C 170 -3.77 13.32 7.11
N ILE C 171 -4.20 13.79 5.95
CA ILE C 171 -4.08 15.21 5.67
C ILE C 171 -4.84 16.03 6.74
N LEU C 172 -6.07 15.63 7.07
CA LEU C 172 -6.82 16.37 8.07
C LEU C 172 -6.15 16.36 9.44
N LYS C 173 -5.59 15.20 9.82
CA LYS C 173 -4.93 15.07 11.12
C LYS C 173 -3.76 16.03 11.22
N PHE C 174 -2.99 16.10 10.13
CA PHE C 174 -1.83 16.94 10.05
C PHE C 174 -2.24 18.38 10.22
N LEU C 175 -3.34 18.75 9.56
CA LEU C 175 -3.90 20.10 9.62
C LEU C 175 -4.34 20.49 11.02
N LYS C 176 -5.16 19.63 11.64
CA LYS C 176 -5.58 19.82 13.03
C LYS C 176 -4.39 20.02 13.97
N LEU C 177 -3.30 19.29 13.75
CA LEU C 177 -2.16 19.32 14.67
C LEU C 177 -1.25 20.51 14.52
N PHE C 178 -0.86 20.82 13.29
CA PHE C 178 0.18 21.82 13.07
C PHE C 178 -0.36 23.22 12.82
N ILE C 179 -1.67 23.34 12.81
CA ILE C 179 -2.27 24.67 12.86
C ILE C 179 -2.85 24.93 14.25
N THR C 180 -2.96 23.87 15.08
CA THR C 180 -3.32 24.03 16.51
C THR C 180 -2.56 25.22 17.03
N GLU C 181 -3.33 26.26 17.30
CA GLU C 181 -2.93 27.65 17.46
C GLU C 181 -4.15 28.25 16.81
N PHE C 182 -4.71 29.32 17.40
CA PHE C 182 -5.83 29.96 16.74
C PHE C 182 -5.86 31.49 16.58
N PRO C 183 -5.15 31.99 15.54
CA PRO C 183 -5.82 32.98 14.71
C PRO C 183 -6.86 32.14 13.94
N LYS C 184 -8.08 32.16 14.45
CA LYS C 184 -9.14 31.26 14.03
C LYS C 184 -10.06 31.97 13.05
N PRO C 185 -10.29 31.38 11.87
CA PRO C 185 -11.23 31.96 10.91
C PRO C 185 -12.66 31.89 11.46
N GLU C 186 -13.45 32.94 11.26
CA GLU C 186 -14.83 32.97 11.75
C GLU C 186 -15.59 31.67 11.49
N PHE C 187 -15.29 31.02 10.36
CA PHE C 187 -16.08 29.88 9.90
C PHE C 187 -15.90 28.60 10.74
N MET C 188 -14.83 28.54 11.53
CA MET C 188 -14.61 27.45 12.44
C MET C 188 -15.69 27.40 13.51
N SER C 189 -16.20 28.57 13.86
CA SER C 189 -17.25 28.72 14.85
C SER C 189 -18.66 28.75 14.23
N LYS C 190 -18.76 28.36 12.97
CA LYS C 190 -20.04 28.25 12.27
C LYS C 190 -20.45 26.79 12.14
N SER C 191 -21.74 26.54 11.90
CA SER C 191 -22.20 25.15 11.98
C SER C 191 -22.26 24.46 10.63
N LEU C 192 -22.37 23.13 10.64
CA LEU C 192 -22.54 22.37 9.40
C LEU C 192 -23.73 22.91 8.59
N GLU C 193 -24.83 23.16 9.29
CA GLU C 193 -26.05 23.74 8.73
C GLU C 193 -25.74 24.96 7.86
N GLU C 194 -25.12 25.97 8.46
CA GLU C 194 -24.87 27.24 7.77
C GLU C 194 -23.68 27.26 6.81
N LEU C 195 -22.74 26.33 6.98
CA LEU C 195 -21.67 26.19 6.03
C LEU C 195 -22.07 25.24 4.90
N GLN C 196 -23.12 24.47 5.12
CA GLN C 196 -23.56 23.44 4.17
C GLN C 196 -22.46 22.47 3.76
N ILE C 197 -21.88 21.84 4.77
CA ILE C 197 -20.91 20.78 4.60
C ILE C 197 -21.58 19.45 4.90
N GLY C 198 -21.49 18.54 3.93
CA GLY C 198 -22.01 17.21 4.11
C GLY C 198 -23.12 16.96 3.13
N THR C 199 -23.68 15.76 3.20
CA THR C 199 -24.74 15.36 2.31
C THR C 199 -25.97 15.08 3.16
N TYR C 200 -27.09 15.69 2.74
CA TYR C 200 -28.34 15.67 3.50
C TYR C 200 -29.53 15.11 2.72
N ALA C 201 -29.27 14.57 1.54
CA ALA C 201 -30.33 13.92 0.77
C ALA C 201 -29.83 12.65 0.07
N ASN C 202 -30.77 11.78 -0.31
CA ASN C 202 -30.46 10.54 -1.02
C ASN C 202 -29.42 9.69 -0.30
N ILE C 203 -29.58 9.58 1.02
CA ILE C 203 -28.60 8.92 1.87
C ILE C 203 -28.77 7.41 1.74
N ALA C 204 -27.70 6.73 1.32
CA ALA C 204 -27.72 5.28 1.19
C ALA C 204 -27.52 4.61 2.55
N MET C 205 -28.44 3.70 2.88
CA MET C 205 -28.59 3.13 4.21
C MET C 205 -29.13 1.73 4.05
N VAL C 206 -28.94 0.90 5.06
CA VAL C 206 -29.47 -0.46 5.03
C VAL C 206 -30.19 -0.75 6.34
N ARG C 207 -30.82 -1.91 6.44
CA ARG C 207 -31.53 -2.26 7.67
C ARG C 207 -30.87 -3.43 8.38
N THR C 208 -31.07 -3.50 9.70
CA THR C 208 -30.67 -4.66 10.51
C THR C 208 -30.53 -5.96 9.71
N THR C 209 -31.54 -6.27 8.88
CA THR C 209 -31.62 -7.57 8.19
C THR C 209 -31.08 -7.62 6.75
N THR C 210 -30.73 -6.47 6.18
CA THR C 210 -30.31 -6.38 4.79
C THR C 210 -29.16 -7.35 4.45
N PRO C 211 -29.37 -8.28 3.51
CA PRO C 211 -28.29 -9.17 3.12
C PRO C 211 -27.04 -8.41 2.69
N VAL C 212 -25.87 -9.00 2.95
CA VAL C 212 -24.59 -8.39 2.59
C VAL C 212 -24.49 -8.06 1.09
N TYR C 213 -24.91 -9.00 0.25
CA TYR C 213 -24.87 -8.75 -1.20
C TYR C 213 -25.72 -7.56 -1.61
N VAL C 214 -26.83 -7.33 -0.92
CA VAL C 214 -27.68 -6.19 -1.21
C VAL C 214 -26.89 -4.91 -0.90
N ALA C 215 -26.17 -4.91 0.22
CA ALA C 215 -25.28 -3.79 0.56
C ALA C 215 -24.18 -3.57 -0.49
N LEU C 216 -23.69 -4.65 -1.10
CA LEU C 216 -22.70 -4.57 -2.17
C LEU C 216 -23.24 -3.79 -3.35
N GLY C 217 -24.40 -4.21 -3.85
CA GLY C 217 -25.06 -3.51 -4.94
C GLY C 217 -25.20 -2.02 -4.66
N ILE C 218 -25.47 -1.66 -3.42
CA ILE C 218 -25.61 -0.27 -3.04
C ILE C 218 -24.23 0.43 -3.10
N PHE C 219 -23.20 -0.24 -2.60
CA PHE C 219 -21.83 0.28 -2.67
C PHE C 219 -21.43 0.57 -4.11
N VAL C 220 -21.72 -0.38 -5.00
CA VAL C 220 -21.38 -0.24 -6.42
C VAL C 220 -22.17 0.88 -7.12
N GLN C 221 -23.48 0.93 -6.89
CA GLN C 221 -24.31 1.90 -7.59
C GLN C 221 -24.13 3.32 -7.07
N HIS C 222 -23.91 3.48 -5.77
CA HIS C 222 -23.86 4.85 -5.20
C HIS C 222 -22.43 5.37 -4.98
N ARG C 223 -21.45 4.45 -4.96
CA ARG C 223 -20.03 4.80 -4.78
C ARG C 223 -19.91 5.66 -3.55
N VAL C 224 -19.98 4.99 -2.42
CA VAL C 224 -20.10 5.62 -1.13
C VAL C 224 -19.37 4.68 -0.18
N SER C 225 -18.59 5.23 0.74
CA SER C 225 -17.66 4.38 1.50
C SER C 225 -18.28 3.60 2.64
N ALA C 226 -19.45 4.04 3.13
CA ALA C 226 -20.12 3.37 4.26
C ALA C 226 -21.64 3.52 4.21
N LEU C 227 -22.34 2.66 4.92
CA LEU C 227 -23.79 2.70 4.98
C LEU C 227 -24.28 2.68 6.43
N PRO C 228 -25.08 3.68 6.83
CA PRO C 228 -25.68 3.61 8.14
C PRO C 228 -26.67 2.44 8.20
N VAL C 229 -26.61 1.68 9.30
CA VAL C 229 -27.55 0.60 9.55
C VAL C 229 -28.65 1.14 10.44
N VAL C 230 -29.90 1.06 9.98
CA VAL C 230 -31.01 1.68 10.70
C VAL C 230 -32.08 0.67 11.15
N ASP C 231 -32.92 1.11 12.09
CA ASP C 231 -34.08 0.32 12.54
C ASP C 231 -35.34 0.77 11.79
N GLU C 232 -36.50 0.35 12.30
CA GLU C 232 -37.79 0.61 11.64
C GLU C 232 -38.24 2.08 11.69
N LYS C 233 -37.76 2.83 12.66
CA LYS C 233 -38.02 4.27 12.68
C LYS C 233 -36.84 5.07 12.12
N GLY C 234 -35.90 4.37 11.48
CA GLY C 234 -34.77 4.98 10.79
C GLY C 234 -33.75 5.62 11.70
N ARG C 235 -33.72 5.17 12.95
CA ARG C 235 -32.68 5.57 13.88
C ARG C 235 -31.46 4.71 13.60
N VAL C 236 -30.27 5.33 13.62
CA VAL C 236 -29.03 4.62 13.34
C VAL C 236 -28.62 3.75 14.54
N VAL C 237 -28.28 2.49 14.27
CA VAL C 237 -27.78 1.56 15.32
C VAL C 237 -26.44 0.91 14.97
N ASP C 238 -26.03 1.03 13.70
CA ASP C 238 -24.73 0.57 13.28
C ASP C 238 -24.34 1.22 11.96
N ILE C 239 -23.17 0.83 11.48
CA ILE C 239 -22.62 1.38 10.24
C ILE C 239 -21.90 0.24 9.53
N TYR C 240 -22.12 0.11 8.22
CA TYR C 240 -21.47 -0.93 7.42
C TYR C 240 -20.56 -0.31 6.36
N SER C 241 -19.24 -0.45 6.56
CA SER C 241 -18.23 0.18 5.69
C SER C 241 -17.65 -0.75 4.64
N LYS C 242 -17.02 -0.14 3.62
CA LYS C 242 -16.20 -0.88 2.64
C LYS C 242 -15.10 -1.71 3.35
N PHE C 243 -14.43 -1.12 4.34
CA PHE C 243 -13.48 -1.83 5.18
C PHE C 243 -14.08 -3.12 5.77
N ASP C 244 -15.35 -3.07 6.17
CA ASP C 244 -16.03 -4.24 6.72
C ASP C 244 -16.21 -5.31 5.66
N VAL C 245 -15.79 -4.99 4.44
CA VAL C 245 -15.99 -5.88 3.30
C VAL C 245 -14.77 -6.78 2.97
N ILE C 246 -13.55 -6.31 3.21
CA ILE C 246 -12.36 -7.19 3.08
C ILE C 246 -12.25 -8.24 4.19
N ASN C 247 -13.16 -8.17 5.16
CA ASN C 247 -13.31 -9.24 6.13
C ASN C 247 -13.74 -10.54 5.45
N LEU C 248 -14.44 -10.40 4.32
CA LEU C 248 -14.89 -11.54 3.51
C LEU C 248 -13.71 -12.25 2.82
N ALA C 249 -12.53 -11.62 2.89
CA ALA C 249 -11.30 -12.21 2.41
C ALA C 249 -10.53 -12.91 3.54
N ALA C 250 -11.15 -12.98 4.72
CA ALA C 250 -10.64 -13.81 5.82
C ALA C 250 -11.05 -15.27 5.66
N GLU C 251 -12.33 -15.49 5.36
CA GLU C 251 -12.92 -16.82 5.19
C GLU C 251 -12.33 -17.60 4.01
N LYS C 252 -12.25 -18.92 4.15
CA LYS C 252 -11.79 -19.80 3.06
C LYS C 252 -12.95 -20.29 2.17
N THR C 253 -13.99 -19.45 2.04
CA THR C 253 -15.21 -19.81 1.30
C THR C 253 -15.65 -18.77 0.25
N TYR C 254 -15.90 -17.53 0.69
CA TYR C 254 -16.44 -16.43 -0.12
C TYR C 254 -17.98 -16.41 -0.24
N ASN C 255 -18.59 -17.58 -0.01
CA ASN C 255 -20.02 -17.81 -0.27
C ASN C 255 -21.00 -17.23 0.77
N ASN C 256 -20.48 -16.77 1.90
CA ASN C 256 -21.32 -16.29 3.00
C ASN C 256 -21.85 -14.86 2.82
N LEU C 257 -22.29 -14.52 1.61
CA LEU C 257 -22.73 -13.16 1.30
C LEU C 257 -24.24 -12.99 1.45
N ASP C 258 -24.95 -14.11 1.61
CA ASP C 258 -26.41 -14.08 1.73
C ASP C 258 -26.90 -13.72 3.13
N VAL C 259 -25.99 -13.74 4.10
CA VAL C 259 -26.31 -13.42 5.50
C VAL C 259 -26.64 -11.93 5.69
N SER C 260 -27.37 -11.62 6.76
CA SER C 260 -27.76 -10.24 7.08
C SER C 260 -26.54 -9.38 7.43
N VAL C 261 -26.71 -8.08 7.32
CA VAL C 261 -25.66 -7.11 7.62
C VAL C 261 -25.27 -7.14 9.09
N THR C 262 -26.27 -7.41 9.95
CA THR C 262 -26.04 -7.53 11.39
C THR C 262 -25.08 -8.67 11.67
N LYS C 263 -25.35 -9.84 11.08
CA LYS C 263 -24.47 -10.99 11.26
C LYS C 263 -23.07 -10.73 10.73
N ALA C 264 -22.99 -10.02 9.59
CA ALA C 264 -21.71 -9.65 8.99
C ALA C 264 -20.83 -8.79 9.88
N LEU C 265 -21.45 -7.84 10.59
CA LEU C 265 -20.71 -6.93 11.46
C LEU C 265 -20.25 -7.58 12.78
N GLN C 266 -20.95 -8.62 13.20
CA GLN C 266 -20.59 -9.37 14.42
C GLN C 266 -19.14 -9.85 14.40
N HIS C 267 -18.62 -10.08 13.19
CA HIS C 267 -17.28 -10.60 12.98
C HIS C 267 -16.17 -9.54 13.11
N ARG C 268 -16.55 -8.29 13.41
CA ARG C 268 -15.58 -7.18 13.53
C ARG C 268 -14.39 -7.44 14.45
N SER C 269 -13.28 -6.81 14.12
CA SER C 269 -12.10 -6.80 14.96
C SER C 269 -12.21 -5.62 15.93
N HIS C 270 -11.95 -5.89 17.22
CA HIS C 270 -12.14 -4.93 18.32
C HIS C 270 -13.61 -4.82 18.73
N TYR C 271 -13.85 -4.30 19.94
CA TYR C 271 -15.22 -3.93 20.31
C TYR C 271 -15.64 -2.59 19.69
N PHE C 272 -16.86 -2.15 20.00
CA PHE C 272 -17.53 -1.11 19.22
C PHE C 272 -18.41 -0.22 20.10
N GLU C 273 -17.94 1.01 20.37
CA GLU C 273 -18.62 1.94 21.27
C GLU C 273 -19.80 2.67 20.60
N GLY C 274 -20.51 1.97 19.71
CA GLY C 274 -21.60 2.56 18.95
C GLY C 274 -21.08 3.34 17.76
N VAL C 275 -21.98 3.73 16.85
CA VAL C 275 -21.60 4.54 15.69
C VAL C 275 -21.32 5.98 16.11
N LEU C 276 -20.30 6.57 15.51
CA LEU C 276 -19.92 7.95 15.81
C LEU C 276 -20.79 8.95 15.04
N LYS C 277 -21.46 9.81 15.81
CA LYS C 277 -22.52 10.69 15.28
C LYS C 277 -22.22 12.16 15.48
N CYS C 278 -23.04 13.01 14.87
CA CYS C 278 -23.00 14.44 15.14
C CYS C 278 -24.35 15.10 14.82
N TYR C 279 -24.44 16.39 15.08
CA TYR C 279 -25.65 17.13 14.75
C TYR C 279 -25.36 18.25 13.78
N LEU C 280 -26.40 18.63 13.05
CA LEU C 280 -26.35 19.68 12.04
C LEU C 280 -25.82 21.00 12.56
N HIS C 281 -25.96 21.23 13.86
CA HIS C 281 -25.75 22.56 14.42
C HIS C 281 -24.46 22.68 15.19
N GLU C 282 -23.68 21.59 15.20
CA GLU C 282 -22.31 21.61 15.70
C GLU C 282 -21.39 22.48 14.82
N THR C 283 -20.47 23.21 15.47
CA THR C 283 -19.49 24.00 14.74
C THR C 283 -18.54 23.06 14.00
N LEU C 284 -18.01 23.55 12.88
CA LEU C 284 -17.03 22.87 12.08
C LEU C 284 -15.86 22.45 12.95
N GLU C 285 -15.41 23.35 13.82
CA GLU C 285 -14.31 23.05 14.71
C GLU C 285 -14.59 21.80 15.56
N ALA C 286 -15.82 21.72 16.11
CA ALA C 286 -16.19 20.57 16.93
C ALA C 286 -16.16 19.27 16.12
N ILE C 287 -16.62 19.34 14.87
CA ILE C 287 -16.67 18.18 14.00
C ILE C 287 -15.26 17.73 13.57
N ILE C 288 -14.38 18.68 13.28
CA ILE C 288 -13.04 18.33 12.84
C ILE C 288 -12.36 17.57 13.98
N ASN C 289 -12.45 18.12 15.19
CA ASN C 289 -11.88 17.50 16.37
C ASN C 289 -12.42 16.11 16.63
N ARG C 290 -13.73 15.93 16.47
CA ARG C 290 -14.28 14.59 16.73
C ARG C 290 -13.74 13.57 15.72
N LEU C 291 -13.77 13.95 14.45
CA LEU C 291 -13.27 13.16 13.34
C LEU C 291 -11.78 12.82 13.45
N VAL C 292 -10.96 13.85 13.66
CA VAL C 292 -9.53 13.64 13.86
C VAL C 292 -9.26 12.67 15.03
N GLU C 293 -9.81 12.92 16.21
CA GLU C 293 -9.47 12.02 17.32
C GLU C 293 -10.14 10.64 17.29
N ALA C 294 -11.22 10.49 16.55
CA ALA C 294 -11.87 9.20 16.36
C ALA C 294 -11.23 8.39 15.25
N GLU C 295 -10.43 9.04 14.41
CA GLU C 295 -9.65 8.36 13.36
C GLU C 295 -10.54 7.55 12.40
N VAL C 296 -11.65 8.18 12.00
CA VAL C 296 -12.65 7.53 11.16
C VAL C 296 -13.01 8.40 9.94
N HIS C 297 -13.56 7.80 8.89
CA HIS C 297 -13.73 8.50 7.61
C HIS C 297 -14.94 9.44 7.56
N ARG C 298 -15.97 9.17 8.38
CA ARG C 298 -17.16 10.02 8.41
C ARG C 298 -17.95 9.93 9.71
N LEU C 299 -18.73 10.98 9.98
CA LEU C 299 -19.72 10.99 11.03
C LEU C 299 -21.09 10.83 10.43
N VAL C 300 -21.95 10.07 11.10
CA VAL C 300 -23.36 10.05 10.72
C VAL C 300 -24.10 11.22 11.36
N VAL C 301 -24.69 12.08 10.52
CA VAL C 301 -25.46 13.24 11.02
C VAL C 301 -26.85 12.81 11.49
N VAL C 302 -27.21 13.25 12.68
CA VAL C 302 -28.35 12.67 13.33
C VAL C 302 -29.26 13.77 13.91
N ASP C 303 -30.51 13.45 14.21
CA ASP C 303 -31.38 14.45 14.86
C ASP C 303 -31.51 14.16 16.35
N GLU C 304 -32.38 14.90 17.05
CA GLU C 304 -32.63 14.75 18.49
C GLU C 304 -32.87 13.29 18.90
N HIS C 305 -33.43 12.52 17.96
CA HIS C 305 -33.91 11.18 18.26
C HIS C 305 -33.08 10.09 17.57
N ASP C 306 -31.91 10.45 17.05
CA ASP C 306 -30.99 9.50 16.39
C ASP C 306 -31.40 9.03 15.00
N VAL C 307 -32.43 9.67 14.44
CA VAL C 307 -32.85 9.42 13.07
C VAL C 307 -31.79 10.06 12.16
N VAL C 308 -31.40 9.38 11.08
CA VAL C 308 -30.32 9.92 10.25
C VAL C 308 -30.80 11.01 9.30
N LYS C 309 -30.08 12.13 9.34
CA LYS C 309 -30.39 13.29 8.56
C LYS C 309 -29.33 13.54 7.49
N GLY C 310 -28.16 12.93 7.65
CA GLY C 310 -27.13 13.00 6.63
C GLY C 310 -25.79 12.39 7.02
N ILE C 311 -24.77 12.81 6.28
CA ILE C 311 -23.41 12.34 6.48
C ILE C 311 -22.39 13.45 6.26
N VAL C 312 -21.36 13.45 7.09
CA VAL C 312 -20.24 14.35 6.93
C VAL C 312 -18.95 13.57 6.89
N SER C 313 -18.32 13.59 5.73
CA SER C 313 -17.14 12.78 5.42
C SER C 313 -15.91 13.66 5.42
N LEU C 314 -14.73 13.04 5.46
CA LEU C 314 -13.46 13.76 5.33
C LEU C 314 -13.37 14.55 4.01
N SER C 315 -13.84 13.95 2.91
CA SER C 315 -13.91 14.64 1.62
C SER C 315 -14.69 15.96 1.75
N ASP C 316 -15.85 15.91 2.44
CA ASP C 316 -16.66 17.10 2.63
C ASP C 316 -15.83 18.20 3.29
N ILE C 317 -15.18 17.87 4.39
CA ILE C 317 -14.35 18.82 5.12
C ILE C 317 -13.15 19.36 4.31
N LEU C 318 -12.39 18.47 3.68
CA LEU C 318 -11.23 18.89 2.92
C LEU C 318 -11.63 19.70 1.70
N GLN C 319 -12.77 19.35 1.10
CA GLN C 319 -13.35 20.16 0.04
C GLN C 319 -13.75 21.54 0.56
N ALA C 320 -14.24 21.60 1.78
CA ALA C 320 -14.62 22.87 2.38
C ALA C 320 -13.39 23.71 2.66
N LEU C 321 -12.39 23.10 3.30
CA LEU C 321 -11.17 23.78 3.72
C LEU C 321 -10.33 24.31 2.57
N VAL C 322 -10.48 23.72 1.40
CA VAL C 322 -9.67 24.05 0.24
C VAL C 322 -10.32 25.06 -0.70
N LEU C 323 -11.64 25.02 -0.80
CA LEU C 323 -12.36 26.02 -1.57
C LEU C 323 -12.68 27.20 -0.64
N THR C 324 -11.90 27.26 0.44
CA THR C 324 -12.07 28.21 1.56
C THR C 324 -13.36 27.96 2.35
N GLY C 325 -13.21 27.49 3.58
CA GLY C 325 -14.31 27.11 4.49
C GLY C 325 -15.76 27.43 4.11
N GLY C 326 -16.55 26.36 3.93
CA GLY C 326 -17.99 26.45 3.69
C GLY C 326 -18.40 27.28 2.47
#